data_7P8S
#
_entry.id   7P8S
#
_cell.length_a   135.79
_cell.length_b   135.79
_cell.length_c   63.533
_cell.angle_alpha   90
_cell.angle_beta   90
_cell.angle_gamma   90
#
_symmetry.space_group_name_H-M   'I 4'
#
loop_
_entity.id
_entity.type
_entity.pdbx_description
1 polymer 'Leucotoxin LukEv'
2 non-polymer 'HEXAETHYLENE GLYCOL'
3 non-polymer '(CARBAMOYLMETHYL-CARBOXYMETHYL-AMINO)-ACETIC ACID'
4 non-polymer 'SULFATE ION'
5 water water
#
_entity_poly.entity_id   1
_entity_poly.type   'polypeptide(L)'
_entity_poly.pdbx_seq_one_letter_code
;MSVGLIAPLASPIQESRANTNIENIGDGAEVIKRTEDVSSKKWGVTQNVQFDFVKDKKYNKDALIVKMQGFINSRTSFSD
VKGSGYELTKRMIWPFQYNIGLTTKDPNVSLINYLPKNKIETTDVGQTLGYNIGGNFQSAPSIGGNGSFNYSKTISYTQK
SYVSEVDKQNSKSVKWGVKANEFVTPDGKKSAHDRYLFVQSPNGPTGSAREYFAPDNQLPPLVQSGFNPSFITTLSHEKG
SSDTSEFEISYGRNLDITYATLFPRTGIYAERKHNAFVNRNFVVRYEVNWKTHEIKVKGHNKHHHHHH
;
_entity_poly.pdbx_strand_id   A
#
loop_
_chem_comp.id
_chem_comp.type
_chem_comp.name
_chem_comp.formula
MHA non-polymer '(CARBAMOYLMETHYL-CARBOXYMETHYL-AMINO)-ACETIC ACID' 'C6 H10 N2 O5'
P6G non-polymer 'HEXAETHYLENE GLYCOL' 'C12 H26 O7'
SO4 non-polymer 'SULFATE ION' 'O4 S -2'
#
# COMPACT_ATOMS: atom_id res chain seq x y z
N SER A 2 6.04 25.39 38.91
CA SER A 2 5.18 24.81 37.88
C SER A 2 4.07 25.79 37.49
N VAL A 3 3.63 25.76 36.23
CA VAL A 3 2.60 26.70 35.75
C VAL A 3 1.58 26.00 34.78
N GLY A 4 1.43 24.68 34.92
CA GLY A 4 0.45 23.93 34.13
C GLY A 4 -0.98 24.45 34.34
N LEU A 5 -1.28 24.96 35.53
CA LEU A 5 -2.60 25.50 35.84
C LEU A 5 -2.93 26.78 35.06
N ILE A 6 -1.92 27.62 34.73
CA ILE A 6 -2.18 28.92 34.09
C ILE A 6 -1.74 28.98 32.61
N ALA A 7 -1.75 27.83 31.96
CA ALA A 7 -1.39 27.62 30.56
C ALA A 7 -2.41 28.25 29.62
N PRO A 8 -2.01 28.54 28.37
CA PRO A 8 -3.02 28.98 27.38
C PRO A 8 -4.08 27.88 27.16
N LEU A 9 -5.20 28.20 26.52
CA LEU A 9 -6.20 27.17 26.19
C LEU A 9 -5.67 26.29 25.08
N ALA A 10 -6.02 24.98 25.09
CA ALA A 10 -5.59 24.09 24.00
C ALA A 10 -6.29 24.50 22.69
N SER A 11 -7.56 24.92 22.77
CA SER A 11 -8.30 25.40 21.60
C SER A 11 -8.78 26.80 21.94
N PRO A 12 -7.90 27.81 21.80
CA PRO A 12 -8.28 29.18 22.21
C PRO A 12 -9.30 29.88 21.32
N ILE A 13 -9.45 29.41 20.06
CA ILE A 13 -10.39 30.00 19.11
C ILE A 13 -11.54 29.03 18.81
N ASN A 21 -11.19 20.91 1.36
CA ASN A 21 -11.49 22.07 2.19
C ASN A 21 -10.25 22.59 2.98
N ILE A 22 -10.43 23.62 3.80
CA ILE A 22 -9.36 24.25 4.55
C ILE A 22 -9.61 24.14 6.06
N GLU A 23 -8.66 23.55 6.78
CA GLU A 23 -8.74 23.43 8.23
C GLU A 23 -7.74 24.38 8.91
N ASN A 24 -8.25 25.21 9.83
CA ASN A 24 -7.40 26.11 10.59
C ASN A 24 -6.78 25.21 11.67
N ILE A 25 -5.46 25.11 11.69
CA ILE A 25 -4.77 24.29 12.68
C ILE A 25 -4.08 25.11 13.79
N GLY A 26 -4.33 26.41 13.84
CA GLY A 26 -3.67 27.28 14.79
C GLY A 26 -3.32 28.63 14.18
N ASP A 27 -2.73 29.51 14.97
CA ASP A 27 -2.39 30.84 14.52
C ASP A 27 -1.37 30.83 13.40
N GLY A 28 -1.78 31.41 12.27
CA GLY A 28 -0.99 31.56 11.05
C GLY A 28 -0.81 30.30 10.24
N ALA A 29 -1.58 29.23 10.60
CA ALA A 29 -1.42 27.98 9.85
C ALA A 29 -2.72 27.29 9.51
N GLU A 30 -2.76 26.72 8.32
CA GLU A 30 -3.91 25.98 7.86
C GLU A 30 -3.47 24.82 6.99
N VAL A 31 -4.36 23.84 6.83
CA VAL A 31 -4.11 22.71 5.94
C VAL A 31 -5.17 22.77 4.86
N ILE A 32 -4.73 22.79 3.59
CA ILE A 32 -5.61 22.77 2.43
C ILE A 32 -5.65 21.33 1.92
N LYS A 33 -6.82 20.73 1.97
CA LYS A 33 -7.00 19.32 1.69
C LYS A 33 -7.52 19.07 0.30
N ARG A 34 -6.77 18.30 -0.46
CA ARG A 34 -7.11 17.94 -1.81
C ARG A 34 -7.16 16.42 -1.91
N THR A 35 -7.96 15.89 -2.83
CA THR A 35 -8.06 14.45 -3.02
C THR A 35 -8.03 14.11 -4.49
N GLU A 36 -7.53 12.92 -4.80
CA GLU A 36 -7.56 12.36 -6.13
C GLU A 36 -7.98 10.91 -5.99
N ASP A 37 -8.86 10.47 -6.87
N ASP A 37 -8.86 10.49 -6.89
CA ASP A 37 -9.33 9.10 -6.90
CA ASP A 37 -9.41 9.15 -6.96
C ASP A 37 -9.15 8.62 -8.33
C ASP A 37 -9.13 8.67 -8.38
N VAL A 38 -8.08 7.87 -8.57
CA VAL A 38 -7.73 7.38 -9.90
C VAL A 38 -7.73 5.88 -9.90
N SER A 39 -8.60 5.27 -10.72
CA SER A 39 -8.70 3.81 -10.81
C SER A 39 -8.28 3.32 -12.18
N SER A 40 -7.90 2.06 -12.25
CA SER A 40 -7.59 1.36 -13.48
C SER A 40 -8.36 0.03 -13.47
N LYS A 41 -9.27 -0.13 -14.42
CA LYS A 41 -10.01 -1.38 -14.57
C LYS A 41 -9.04 -2.48 -15.00
N LYS A 42 -8.08 -2.17 -15.92
CA LYS A 42 -7.18 -3.21 -16.37
C LYS A 42 -6.24 -3.66 -15.26
N TRP A 43 -5.76 -2.72 -14.43
CA TRP A 43 -4.86 -3.10 -13.34
C TRP A 43 -5.57 -3.62 -12.08
N GLY A 44 -6.87 -3.37 -11.96
CA GLY A 44 -7.64 -3.74 -10.77
C GLY A 44 -7.12 -2.98 -9.56
N VAL A 45 -6.87 -1.69 -9.73
CA VAL A 45 -6.29 -0.81 -8.71
C VAL A 45 -7.11 0.46 -8.60
N THR A 46 -7.31 0.94 -7.40
CA THR A 46 -7.89 2.24 -7.13
C THR A 46 -6.91 3.00 -6.23
N GLN A 47 -6.42 4.15 -6.67
CA GLN A 47 -5.57 5.00 -5.86
C GLN A 47 -6.47 6.09 -5.28
N ASN A 48 -6.74 6.05 -3.96
CA ASN A 48 -7.56 7.06 -3.28
C ASN A 48 -6.55 7.83 -2.46
N VAL A 49 -6.11 8.98 -2.96
CA VAL A 49 -5.02 9.69 -2.34
C VAL A 49 -5.47 11.02 -1.76
N GLN A 50 -5.00 11.32 -0.55
CA GLN A 50 -5.25 12.60 0.09
C GLN A 50 -3.94 13.41 0.02
N PHE A 51 -4.06 14.70 -0.32
CA PHE A 51 -2.89 15.57 -0.42
C PHE A 51 -3.18 16.77 0.45
N ASP A 52 -2.51 16.86 1.58
CA ASP A 52 -2.73 17.94 2.53
C ASP A 52 -1.59 18.93 2.56
N PHE A 53 -1.83 20.14 2.02
CA PHE A 53 -0.81 21.17 2.00
C PHE A 53 -0.75 21.81 3.35
N VAL A 54 0.44 21.91 3.93
CA VAL A 54 0.60 22.57 5.21
C VAL A 54 1.00 23.99 4.89
N LYS A 55 0.11 24.95 5.10
CA LYS A 55 0.41 26.34 4.83
C LYS A 55 0.66 27.00 6.19
N ASP A 56 1.90 27.37 6.46
CA ASP A 56 2.28 27.85 7.78
C ASP A 56 3.30 28.94 7.64
N LYS A 57 2.92 30.14 8.08
CA LYS A 57 3.78 31.31 8.06
C LYS A 57 5.07 31.14 8.85
N LYS A 58 5.12 30.18 9.79
CA LYS A 58 6.31 29.94 10.61
C LYS A 58 7.13 28.72 10.16
N TYR A 59 6.85 28.19 8.97
CA TYR A 59 7.57 27.06 8.38
C TYR A 59 8.13 27.61 7.08
N ASN A 60 9.46 27.70 6.95
CA ASN A 60 10.11 28.28 5.78
C ASN A 60 9.99 27.44 4.49
N LYS A 61 9.33 26.28 4.54
CA LYS A 61 9.16 25.45 3.35
C LYS A 61 7.72 25.04 3.17
N ASP A 62 7.30 24.89 1.91
CA ASP A 62 5.99 24.36 1.62
C ASP A 62 6.05 22.85 1.91
N ALA A 63 4.93 22.27 2.38
CA ALA A 63 4.91 20.84 2.67
C ALA A 63 3.60 20.19 2.22
N LEU A 64 3.68 18.96 1.73
CA LEU A 64 2.49 18.24 1.27
C LEU A 64 2.47 16.85 1.87
N ILE A 65 1.54 16.61 2.82
CA ILE A 65 1.40 15.29 3.38
C ILE A 65 0.57 14.46 2.42
N VAL A 66 1.13 13.36 1.94
CA VAL A 66 0.44 12.50 1.00
C VAL A 66 0.04 11.21 1.67
N LYS A 67 -1.27 10.93 1.73
CA LYS A 67 -1.78 9.70 2.33
C LYS A 67 -2.34 8.82 1.24
N MET A 68 -1.72 7.68 1.02
CA MET A 68 -2.07 6.75 -0.03
C MET A 68 -2.98 5.65 0.45
N GLN A 69 -4.23 5.68 0.00
CA GLN A 69 -5.21 4.64 0.33
C GLN A 69 -5.81 4.09 -0.96
N GLY A 70 -6.90 3.34 -0.84
CA GLY A 70 -7.52 2.74 -2.02
C GLY A 70 -7.53 1.23 -1.94
N PHE A 71 -7.32 0.58 -3.08
CA PHE A 71 -7.47 -0.86 -3.15
C PHE A 71 -6.65 -1.44 -4.24
N ILE A 72 -6.02 -2.59 -3.94
CA ILE A 72 -5.28 -3.32 -4.95
C ILE A 72 -5.92 -4.68 -4.90
N ASN A 73 -6.70 -5.01 -5.90
CA ASN A 73 -7.35 -6.31 -6.01
C ASN A 73 -6.28 -7.43 -6.01
N SER A 74 -6.47 -8.51 -5.25
CA SER A 74 -5.48 -9.62 -5.22
C SER A 74 -5.25 -10.18 -6.63
N ARG A 75 -6.34 -10.13 -7.47
CA ARG A 75 -6.31 -10.70 -8.80
C ARG A 75 -5.96 -12.19 -8.79
N THR A 76 -6.23 -12.87 -7.64
CA THR A 76 -5.97 -14.28 -7.50
C THR A 76 -6.90 -15.01 -8.45
N SER A 77 -6.33 -15.90 -9.27
CA SER A 77 -7.14 -16.63 -10.23
C SER A 77 -6.83 -18.11 -10.17
N PHE A 78 -7.78 -18.95 -10.59
CA PHE A 78 -7.66 -20.40 -10.52
C PHE A 78 -8.10 -20.88 -11.88
N SER A 79 -7.21 -21.54 -12.64
CA SER A 79 -7.51 -21.89 -14.04
C SER A 79 -7.03 -23.24 -14.50
N ASP A 80 -7.66 -23.73 -15.57
CA ASP A 80 -7.16 -24.90 -16.25
C ASP A 80 -5.88 -24.49 -16.99
N VAL A 81 -4.99 -25.44 -17.20
CA VAL A 81 -3.79 -25.21 -17.97
C VAL A 81 -4.11 -25.89 -19.31
N LYS A 82 -4.14 -25.10 -20.37
CA LYS A 82 -4.44 -25.63 -21.70
C LYS A 82 -3.30 -26.45 -22.24
N GLY A 83 -3.64 -27.38 -23.14
CA GLY A 83 -2.68 -28.26 -23.77
C GLY A 83 -2.94 -29.71 -23.46
N SER A 84 -2.73 -30.62 -24.45
CA SER A 84 -2.90 -32.05 -24.19
C SER A 84 -1.84 -32.52 -23.17
N GLY A 85 -2.27 -33.36 -22.24
CA GLY A 85 -1.39 -33.79 -21.16
C GLY A 85 -1.52 -32.92 -19.91
N TYR A 86 -2.13 -31.72 -20.00
CA TYR A 86 -2.31 -30.84 -18.82
C TYR A 86 -3.72 -30.85 -18.27
N GLU A 87 -4.56 -31.80 -18.66
CA GLU A 87 -5.98 -31.81 -18.25
C GLU A 87 -6.14 -31.85 -16.75
N LEU A 88 -5.20 -32.48 -16.06
CA LEU A 88 -5.22 -32.59 -14.62
C LEU A 88 -4.23 -31.65 -13.92
N THR A 89 -3.76 -30.62 -14.64
CA THR A 89 -2.86 -29.63 -14.10
C THR A 89 -3.61 -28.31 -14.06
N LYS A 90 -3.69 -27.67 -12.89
CA LYS A 90 -4.38 -26.39 -12.72
C LYS A 90 -3.40 -25.36 -12.17
N ARG A 91 -3.73 -24.10 -12.35
CA ARG A 91 -2.85 -23.00 -11.99
C ARG A 91 -3.56 -21.98 -11.13
N MET A 92 -2.88 -21.55 -10.08
CA MET A 92 -3.36 -20.47 -9.24
C MET A 92 -2.35 -19.34 -9.32
N ILE A 93 -2.76 -18.16 -9.77
CA ILE A 93 -1.87 -17.00 -9.81
C ILE A 93 -2.29 -16.12 -8.63
N TRP A 94 -1.34 -15.70 -7.78
CA TRP A 94 -1.67 -14.98 -6.57
C TRP A 94 -0.58 -14.00 -6.18
N PRO A 95 -0.97 -12.91 -5.48
CA PRO A 95 0.03 -11.90 -5.09
C PRO A 95 0.98 -12.29 -3.95
N PHE A 96 2.25 -12.53 -4.31
CA PHE A 96 3.28 -12.79 -3.31
C PHE A 96 3.60 -11.47 -2.59
N GLN A 97 3.52 -10.31 -3.31
CA GLN A 97 3.79 -9.03 -2.72
C GLN A 97 2.91 -7.93 -3.32
N TYR A 98 2.46 -7.01 -2.48
CA TYR A 98 1.81 -5.77 -2.90
C TYR A 98 2.87 -4.68 -2.86
N ASN A 99 2.94 -3.88 -3.94
CA ASN A 99 3.92 -2.80 -4.06
C ASN A 99 3.24 -1.44 -3.95
N ILE A 100 3.74 -0.57 -3.09
CA ILE A 100 3.22 0.79 -2.98
C ILE A 100 4.44 1.70 -2.97
N GLY A 101 4.46 2.69 -3.84
CA GLY A 101 5.59 3.62 -3.88
C GLY A 101 5.25 5.01 -4.36
N LEU A 102 6.09 5.96 -3.99
CA LEU A 102 5.96 7.34 -4.44
C LEU A 102 7.35 7.77 -4.85
N THR A 103 7.51 8.25 -6.09
CA THR A 103 8.81 8.71 -6.57
C THR A 103 8.66 10.14 -7.08
N THR A 104 9.55 11.00 -6.63
CA THR A 104 9.55 12.39 -7.02
C THR A 104 10.27 12.55 -8.36
N LYS A 105 9.69 13.37 -9.24
CA LYS A 105 10.23 13.54 -10.59
C LYS A 105 10.76 14.94 -10.86
N ASP A 106 11.10 15.71 -9.81
CA ASP A 106 11.65 17.03 -9.98
C ASP A 106 12.63 17.35 -8.84
N PRO A 107 13.76 18.00 -9.15
CA PRO A 107 14.76 18.33 -8.11
C PRO A 107 14.30 19.28 -7.00
N ASN A 108 13.20 20.01 -7.22
CA ASN A 108 12.73 20.97 -6.22
C ASN A 108 11.89 20.34 -5.08
N VAL A 109 11.74 18.99 -5.07
CA VAL A 109 10.97 18.30 -4.04
C VAL A 109 11.74 17.13 -3.46
N SER A 110 11.59 16.88 -2.15
CA SER A 110 12.19 15.75 -1.47
C SER A 110 11.20 15.13 -0.44
N LEU A 111 11.41 13.87 -0.04
CA LEU A 111 10.57 13.24 0.97
C LEU A 111 11.25 13.43 2.32
N ILE A 112 10.48 13.89 3.33
CA ILE A 112 11.06 14.15 4.64
C ILE A 112 10.56 13.21 5.76
N ASN A 113 9.58 12.36 5.46
CA ASN A 113 9.06 11.36 6.39
C ASN A 113 8.26 10.30 5.64
N TYR A 114 8.10 9.14 6.27
CA TYR A 114 7.49 7.97 5.64
C TYR A 114 6.82 7.17 6.74
N LEU A 115 5.61 6.65 6.49
CA LEU A 115 4.94 5.77 7.43
C LEU A 115 4.28 4.60 6.71
N PRO A 116 4.54 3.35 7.15
CA PRO A 116 5.49 2.94 8.19
C PRO A 116 6.96 3.27 7.84
N LYS A 117 7.74 3.66 8.86
CA LYS A 117 9.15 3.99 8.66
C LYS A 117 10.03 2.73 8.75
N ASN A 118 9.60 1.73 9.49
CA ASN A 118 10.35 0.49 9.66
C ASN A 118 9.49 -0.72 9.28
N LYS A 119 10.14 -1.87 9.13
CA LYS A 119 9.47 -3.15 8.87
C LYS A 119 8.46 -3.45 9.99
N ILE A 120 7.27 -3.95 9.62
CA ILE A 120 6.25 -4.26 10.62
C ILE A 120 5.57 -5.56 10.26
N GLU A 121 5.56 -6.49 11.23
CA GLU A 121 5.01 -7.81 10.98
C GLU A 121 3.69 -8.10 11.65
N THR A 122 3.16 -7.15 12.45
CA THR A 122 1.90 -7.39 13.14
C THR A 122 0.76 -7.43 12.13
N THR A 123 -0.29 -8.23 12.41
CA THR A 123 -1.46 -8.32 11.54
C THR A 123 -2.09 -6.93 11.34
N ASP A 124 -2.18 -6.13 12.41
CA ASP A 124 -2.72 -4.78 12.29
C ASP A 124 -1.58 -3.79 12.32
N VAL A 125 -1.63 -2.81 11.40
CA VAL A 125 -0.69 -1.72 11.30
C VAL A 125 -1.51 -0.43 11.57
N GLY A 126 -1.07 0.35 12.55
CA GLY A 126 -1.76 1.58 12.91
C GLY A 126 -0.73 2.57 13.40
N GLN A 127 -0.53 3.67 12.67
CA GLN A 127 0.51 4.65 13.01
C GLN A 127 0.00 6.08 12.83
N THR A 128 0.75 7.06 13.39
CA THR A 128 0.37 8.46 13.32
C THR A 128 1.50 9.38 12.87
N LEU A 129 1.21 10.35 12.02
CA LEU A 129 2.13 11.42 11.66
C LEU A 129 1.52 12.69 12.29
N GLY A 130 2.26 13.33 13.19
CA GLY A 130 1.82 14.55 13.84
C GLY A 130 2.59 15.74 13.31
N TYR A 131 1.93 16.91 13.28
CA TYR A 131 2.55 18.16 12.85
C TYR A 131 2.28 19.25 13.89
N ASN A 132 3.33 19.95 14.26
CA ASN A 132 3.23 21.08 15.14
C ASN A 132 3.78 22.29 14.36
N ILE A 133 3.11 23.45 14.49
CA ILE A 133 3.43 24.69 13.80
C ILE A 133 4.94 25.04 13.87
N GLY A 134 5.48 25.51 12.76
CA GLY A 134 6.90 25.82 12.70
C GLY A 134 7.75 24.72 12.07
N GLY A 135 7.10 23.79 11.38
CA GLY A 135 7.78 22.70 10.68
C GLY A 135 8.17 21.47 11.49
N ASN A 136 7.44 21.15 12.55
CA ASN A 136 7.79 20.01 13.40
C ASN A 136 6.93 18.79 13.15
N PHE A 137 7.48 17.80 12.48
CA PHE A 137 6.77 16.54 12.23
C PHE A 137 7.28 15.50 13.21
N GLN A 138 6.39 14.63 13.65
CA GLN A 138 6.72 13.53 14.55
C GLN A 138 5.92 12.29 14.11
N SER A 139 6.43 11.07 14.32
CA SER A 139 5.67 9.87 14.01
C SER A 139 5.63 8.89 15.16
N ALA A 140 4.51 8.20 15.34
CA ALA A 140 4.39 7.21 16.39
C ALA A 140 3.84 5.89 15.80
N PRO A 141 4.42 4.73 16.12
CA PRO A 141 3.91 3.47 15.58
C PRO A 141 2.68 2.97 16.33
N SER A 142 1.77 3.87 16.65
CA SER A 142 0.53 3.56 17.33
C SER A 142 -0.53 4.63 17.01
N ILE A 143 -1.79 4.31 17.27
CA ILE A 143 -2.90 5.25 17.11
C ILE A 143 -3.50 5.54 18.51
N GLY A 144 -3.75 6.82 18.78
CA GLY A 144 -4.34 7.25 20.04
C GLY A 144 -3.33 7.33 21.16
N GLY A 145 -3.63 8.16 22.15
CA GLY A 145 -2.75 8.35 23.30
C GLY A 145 -1.34 8.77 22.97
N ASN A 146 -1.18 9.74 22.05
CA ASN A 146 0.14 10.25 21.68
C ASN A 146 0.33 11.68 22.27
N GLY A 147 1.23 12.49 21.71
CA GLY A 147 1.44 13.84 22.20
C GLY A 147 0.36 14.81 21.76
N SER A 148 0.65 16.11 21.79
CA SER A 148 -0.36 17.10 21.35
C SER A 148 0.10 17.78 20.05
N PHE A 149 -0.62 17.51 18.95
CA PHE A 149 -0.28 18.07 17.64
C PHE A 149 -1.31 19.09 17.15
N ASN A 150 -0.88 20.05 16.32
CA ASN A 150 -1.77 21.00 15.65
C ASN A 150 -2.54 20.27 14.55
N TYR A 151 -1.92 19.27 13.91
CA TYR A 151 -2.56 18.49 12.85
C TYR A 151 -1.96 17.10 12.88
N SER A 152 -2.78 16.08 12.58
CA SER A 152 -2.25 14.73 12.51
C SER A 152 -2.99 13.90 11.47
N LYS A 153 -2.31 12.90 10.99
CA LYS A 153 -2.83 12.00 10.00
C LYS A 153 -2.47 10.59 10.48
N THR A 154 -3.36 9.61 10.32
CA THR A 154 -3.04 8.24 10.71
C THR A 154 -3.08 7.30 9.49
N ILE A 155 -2.42 6.14 9.61
CA ILE A 155 -2.50 5.05 8.65
C ILE A 155 -3.05 3.85 9.40
N SER A 156 -3.85 3.05 8.72
CA SER A 156 -4.44 1.87 9.30
C SER A 156 -4.69 0.81 8.22
N TYR A 157 -4.13 -0.37 8.40
CA TYR A 157 -4.37 -1.49 7.49
C TYR A 157 -4.15 -2.82 8.17
N THR A 158 -4.77 -3.89 7.62
N THR A 158 -4.78 -3.87 7.65
CA THR A 158 -4.66 -5.26 8.11
CA THR A 158 -4.60 -5.23 8.13
C THR A 158 -3.93 -6.09 7.05
C THR A 158 -3.84 -6.02 7.04
N GLN A 159 -2.88 -6.81 7.45
CA GLN A 159 -2.06 -7.60 6.51
C GLN A 159 -1.89 -9.04 7.05
N LYS A 160 -3.00 -9.72 7.37
CA LYS A 160 -2.93 -11.10 7.90
C LYS A 160 -2.09 -12.02 6.97
N SER A 161 -1.07 -12.65 7.56
CA SER A 161 -0.14 -13.57 6.90
C SER A 161 0.94 -12.87 6.08
N TYR A 162 0.96 -11.55 6.04
CA TYR A 162 1.93 -10.78 5.27
C TYR A 162 2.71 -9.84 6.20
N VAL A 163 3.87 -9.39 5.77
CA VAL A 163 4.75 -8.49 6.51
CA VAL A 163 4.70 -8.46 6.54
C VAL A 163 5.01 -7.25 5.64
N SER A 164 5.17 -6.07 6.26
CA SER A 164 5.44 -4.85 5.52
C SER A 164 6.88 -4.50 5.65
N GLU A 165 7.53 -4.29 4.52
CA GLU A 165 8.94 -3.94 4.47
C GLU A 165 9.13 -2.63 3.75
N VAL A 166 10.15 -1.86 4.14
CA VAL A 166 10.52 -0.65 3.44
C VAL A 166 11.57 -1.12 2.45
N ASP A 167 11.19 -1.25 1.19
CA ASP A 167 12.10 -1.72 0.14
C ASP A 167 13.10 -0.67 -0.31
N LYS A 168 12.70 0.61 -0.25
CA LYS A 168 13.50 1.76 -0.67
C LYS A 168 12.98 2.98 0.07
N GLN A 169 13.89 3.84 0.56
CA GLN A 169 13.48 5.00 1.33
C GLN A 169 14.58 6.01 1.15
N ASN A 170 14.38 7.06 0.35
CA ASN A 170 15.42 8.12 0.21
C ASN A 170 14.80 9.50 -0.04
N SER A 171 15.62 10.57 -0.24
CA SER A 171 15.05 11.92 -0.41
C SER A 171 14.22 12.04 -1.69
N LYS A 172 14.29 11.08 -2.62
CA LYS A 172 13.53 11.15 -3.86
C LYS A 172 12.41 10.12 -3.97
N SER A 173 12.50 9.01 -3.27
CA SER A 173 11.52 7.93 -3.42
C SER A 173 11.33 7.05 -2.22
N VAL A 174 10.15 6.48 -2.12
CA VAL A 174 9.83 5.54 -1.08
C VAL A 174 9.03 4.40 -1.70
N LYS A 175 9.37 3.16 -1.31
N LYS A 175 9.39 3.17 -1.33
CA LYS A 175 8.74 1.93 -1.78
CA LYS A 175 8.71 1.99 -1.79
C LYS A 175 8.49 1.01 -0.62
C LYS A 175 8.49 1.04 -0.59
N TRP A 176 7.27 0.52 -0.46
CA TRP A 176 6.95 -0.46 0.58
C TRP A 176 6.55 -1.75 -0.16
N GLY A 177 6.88 -2.89 0.44
CA GLY A 177 6.44 -4.16 -0.08
C GLY A 177 5.68 -4.86 1.04
N VAL A 178 4.45 -5.27 0.78
CA VAL A 178 3.63 -6.03 1.76
C VAL A 178 3.68 -7.43 1.17
N LYS A 179 4.60 -8.25 1.70
N LYS A 179 4.53 -8.25 1.77
CA LYS A 179 4.87 -9.57 1.15
CA LYS A 179 4.98 -9.55 1.30
C LYS A 179 4.39 -10.74 2.00
C LYS A 179 4.43 -10.76 2.06
N ALA A 180 4.06 -11.85 1.33
CA ALA A 180 3.54 -13.09 1.92
C ALA A 180 4.58 -13.66 2.89
N ASN A 181 4.12 -14.12 4.05
CA ASN A 181 5.05 -14.56 5.08
C ASN A 181 4.74 -15.96 5.64
N GLU A 182 3.59 -16.14 6.28
CA GLU A 182 3.26 -17.41 6.93
C GLU A 182 1.76 -17.55 6.96
N PHE A 183 1.24 -18.72 6.62
CA PHE A 183 -0.18 -18.93 6.50
C PHE A 183 -0.66 -20.08 7.38
N VAL A 184 -1.90 -19.97 7.87
CA VAL A 184 -2.53 -21.04 8.64
C VAL A 184 -3.26 -21.93 7.63
N THR A 185 -2.99 -23.23 7.66
CA THR A 185 -3.69 -24.16 6.77
C THR A 185 -4.34 -25.26 7.62
N PRO A 186 -5.28 -26.07 7.04
CA PRO A 186 -5.84 -27.20 7.80
C PRO A 186 -4.75 -28.26 8.12
N ASP A 187 -3.65 -28.26 7.35
CA ASP A 187 -2.55 -29.19 7.56
C ASP A 187 -1.38 -28.53 8.35
N GLY A 188 -1.66 -27.47 9.13
CA GLY A 188 -0.66 -26.74 9.93
C GLY A 188 -0.09 -25.49 9.26
N LYS A 189 0.73 -24.70 9.99
CA LYS A 189 1.37 -23.49 9.44
C LYS A 189 2.27 -23.79 8.23
N LYS A 190 2.24 -22.90 7.22
CA LYS A 190 3.09 -23.05 6.04
C LYS A 190 3.79 -21.72 5.73
N SER A 191 5.04 -21.79 5.36
CA SER A 191 5.83 -20.63 4.95
C SER A 191 5.31 -20.17 3.57
N ALA A 192 5.45 -18.88 3.29
CA ALA A 192 5.06 -18.33 1.98
C ALA A 192 5.85 -18.99 0.85
N HIS A 193 7.05 -19.59 1.14
CA HIS A 193 7.84 -20.25 0.12
C HIS A 193 7.55 -21.76 -0.01
N ASP A 194 6.58 -22.29 0.73
CA ASP A 194 6.26 -23.71 0.67
C ASP A 194 5.59 -23.99 -0.68
N ARG A 195 6.17 -24.86 -1.54
N ARG A 195 6.16 -24.86 -1.56
CA ARG A 195 5.56 -25.12 -2.85
CA ARG A 195 5.52 -25.07 -2.88
C ARG A 195 4.17 -25.77 -2.77
C ARG A 195 4.15 -25.75 -2.77
N TYR A 196 3.86 -26.42 -1.64
CA TYR A 196 2.52 -27.02 -1.46
C TYR A 196 1.49 -26.03 -0.87
N LEU A 197 1.87 -24.78 -0.63
CA LEU A 197 0.94 -23.77 -0.08
C LEU A 197 -0.24 -23.58 -1.06
N PHE A 198 -1.47 -23.74 -0.54
CA PHE A 198 -2.77 -23.54 -1.21
C PHE A 198 -3.22 -24.68 -2.10
N VAL A 199 -2.44 -25.76 -2.30
CA VAL A 199 -2.93 -26.84 -3.18
C VAL A 199 -3.72 -27.89 -2.40
N GLN A 200 -4.62 -28.56 -3.10
CA GLN A 200 -5.42 -29.64 -2.54
C GLN A 200 -6.01 -30.49 -3.65
N SER A 201 -6.38 -31.72 -3.32
CA SER A 201 -7.01 -32.61 -4.24
C SER A 201 -8.43 -32.15 -4.44
N PRO A 202 -8.93 -32.15 -5.68
CA PRO A 202 -10.35 -31.82 -5.89
C PRO A 202 -11.24 -32.96 -5.34
N ASN A 203 -12.56 -32.77 -5.33
CA ASN A 203 -13.49 -33.79 -4.84
C ASN A 203 -13.61 -35.03 -5.73
N GLY A 204 -13.32 -34.87 -7.00
CA GLY A 204 -13.38 -35.96 -7.97
C GLY A 204 -12.46 -35.70 -9.14
N PRO A 205 -12.34 -36.69 -10.05
CA PRO A 205 -11.44 -36.51 -11.20
C PRO A 205 -11.86 -35.42 -12.20
N THR A 206 -13.14 -35.07 -12.22
CA THR A 206 -13.66 -34.02 -13.09
C THR A 206 -13.79 -32.67 -12.36
N GLY A 207 -13.23 -32.56 -11.15
CA GLY A 207 -13.28 -31.35 -10.35
C GLY A 207 -12.70 -30.16 -11.08
N SER A 208 -13.35 -29.01 -10.95
CA SER A 208 -12.93 -27.83 -11.65
C SER A 208 -11.60 -27.28 -11.08
N ALA A 209 -10.96 -26.37 -11.81
CA ALA A 209 -9.70 -25.74 -11.42
C ALA A 209 -9.74 -25.19 -10.00
N ARG A 210 -10.85 -24.52 -9.61
CA ARG A 210 -11.02 -23.94 -8.28
C ARG A 210 -10.83 -24.96 -7.17
N GLU A 211 -11.30 -26.17 -7.39
CA GLU A 211 -11.23 -27.27 -6.41
C GLU A 211 -9.84 -27.80 -6.13
N TYR A 212 -8.85 -27.44 -6.96
CA TYR A 212 -7.48 -27.89 -6.71
C TYR A 212 -6.75 -26.96 -5.72
N PHE A 213 -7.41 -25.91 -5.25
CA PHE A 213 -6.80 -24.92 -4.38
C PHE A 213 -7.67 -24.67 -3.15
N ALA A 214 -7.06 -24.18 -2.06
CA ALA A 214 -7.71 -23.86 -0.80
C ALA A 214 -8.97 -23.03 -1.01
N PRO A 215 -10.08 -23.46 -0.40
CA PRO A 215 -11.31 -22.69 -0.54
C PRO A 215 -11.17 -21.32 0.11
N ASP A 216 -12.01 -20.38 -0.30
CA ASP A 216 -12.01 -19.00 0.16
C ASP A 216 -11.95 -18.84 1.66
N ASN A 217 -12.64 -19.68 2.40
CA ASN A 217 -12.67 -19.60 3.85
C ASN A 217 -11.33 -19.95 4.51
N GLN A 218 -10.39 -20.54 3.77
CA GLN A 218 -9.02 -20.80 4.25
C GLN A 218 -8.01 -19.74 3.71
N LEU A 219 -8.40 -18.91 2.72
CA LEU A 219 -7.47 -17.92 2.16
C LEU A 219 -7.59 -16.61 2.95
N PRO A 220 -6.49 -16.00 3.42
CA PRO A 220 -6.62 -14.72 4.11
C PRO A 220 -7.02 -13.61 3.10
N PRO A 221 -7.54 -12.48 3.61
CA PRO A 221 -7.97 -11.38 2.71
C PRO A 221 -6.95 -10.91 1.68
N LEU A 222 -5.65 -10.83 1.97
CA LEU A 222 -4.66 -10.39 0.97
C LEU A 222 -4.49 -11.40 -0.19
N VAL A 223 -4.94 -12.65 -0.03
CA VAL A 223 -4.95 -13.62 -1.11
C VAL A 223 -6.34 -13.67 -1.75
N GLN A 224 -7.40 -13.81 -0.93
CA GLN A 224 -8.76 -13.93 -1.45
C GLN A 224 -9.35 -12.67 -2.09
N SER A 225 -9.14 -11.51 -1.46
N SER A 225 -9.15 -11.52 -1.44
CA SER A 225 -9.74 -10.26 -1.91
CA SER A 225 -9.76 -10.28 -1.88
C SER A 225 -8.77 -9.23 -2.44
C SER A 225 -8.76 -9.26 -2.44
N GLY A 226 -7.84 -8.81 -1.61
CA GLY A 226 -6.87 -7.81 -2.01
C GLY A 226 -6.35 -7.03 -0.84
N PHE A 227 -5.69 -5.91 -1.12
CA PHE A 227 -5.08 -5.11 -0.06
C PHE A 227 -5.66 -3.70 -0.08
N ASN A 228 -5.90 -3.12 1.10
CA ASN A 228 -6.39 -1.75 1.23
C ASN A 228 -5.22 -0.98 1.79
N PRO A 229 -4.40 -0.36 0.93
CA PRO A 229 -3.21 0.30 1.44
C PRO A 229 -3.53 1.49 2.32
N SER A 230 -2.58 1.81 3.20
CA SER A 230 -2.69 3.01 4.00
C SER A 230 -1.25 3.42 4.34
N PHE A 231 -0.69 4.33 3.54
CA PHE A 231 0.72 4.74 3.68
C PHE A 231 0.84 6.24 3.61
N ILE A 232 1.88 6.81 4.22
CA ILE A 232 2.09 8.24 4.19
C ILE A 232 3.53 8.57 3.83
N THR A 233 3.70 9.68 3.12
CA THR A 233 4.98 10.32 2.89
C THR A 233 4.72 11.83 2.78
N THR A 234 5.64 12.67 3.29
CA THR A 234 5.48 14.12 3.18
C THR A 234 6.51 14.68 2.21
N LEU A 235 6.04 15.47 1.25
CA LEU A 235 6.90 16.08 0.24
C LEU A 235 7.26 17.48 0.73
N SER A 236 8.54 17.83 0.61
CA SER A 236 9.09 19.12 1.03
C SER A 236 9.47 19.90 -0.21
N HIS A 237 9.17 21.19 -0.24
CA HIS A 237 9.46 22.03 -1.38
C HIS A 237 10.34 23.19 -0.94
N GLU A 238 11.52 23.37 -1.56
CA GLU A 238 12.36 24.53 -1.21
C GLU A 238 11.73 25.73 -1.87
N LYS A 239 11.36 26.75 -1.06
CA LYS A 239 10.72 27.95 -1.59
C LYS A 239 11.67 28.72 -2.52
N GLY A 240 11.08 29.54 -3.38
CA GLY A 240 11.85 30.25 -4.39
C GLY A 240 11.96 29.43 -5.66
N SER A 241 11.99 28.07 -5.52
CA SER A 241 12.06 27.20 -6.69
C SER A 241 10.71 27.18 -7.43
N SER A 242 10.66 26.51 -8.59
CA SER A 242 9.47 26.36 -9.44
C SER A 242 8.16 26.15 -8.65
N ASP A 243 7.07 26.79 -9.10
CA ASP A 243 5.78 26.63 -8.43
C ASP A 243 5.21 25.22 -8.59
N THR A 244 5.65 24.45 -9.60
CA THR A 244 5.13 23.12 -9.81
C THR A 244 6.16 22.02 -9.61
N SER A 245 5.69 20.82 -9.31
CA SER A 245 6.54 19.64 -9.16
C SER A 245 5.74 18.43 -9.56
N GLU A 246 6.39 17.45 -10.16
CA GLU A 246 5.71 16.23 -10.53
C GLU A 246 6.20 15.06 -9.69
N PHE A 247 5.34 14.07 -9.54
CA PHE A 247 5.68 12.84 -8.80
C PHE A 247 4.79 11.70 -9.26
N GLU A 248 5.21 10.46 -9.03
CA GLU A 248 4.42 9.30 -9.44
C GLU A 248 4.07 8.45 -8.24
N ILE A 249 2.85 7.92 -8.22
CA ILE A 249 2.43 7.01 -7.17
C ILE A 249 2.15 5.70 -7.88
N SER A 250 2.78 4.63 -7.41
CA SER A 250 2.68 3.30 -8.01
C SER A 250 2.07 2.31 -7.05
N TYR A 251 1.02 1.58 -7.49
CA TYR A 251 0.37 0.52 -6.70
C TYR A 251 0.36 -0.70 -7.57
N GLY A 252 0.80 -1.82 -7.03
CA GLY A 252 0.78 -3.05 -7.81
C GLY A 252 1.14 -4.30 -7.08
N ARG A 253 1.60 -5.31 -7.84
CA ARG A 253 1.82 -6.62 -7.31
C ARG A 253 3.01 -7.30 -7.93
N ASN A 254 3.52 -8.31 -7.20
CA ASN A 254 4.45 -9.33 -7.70
C ASN A 254 3.62 -10.59 -7.55
N LEU A 255 3.45 -11.34 -8.64
CA LEU A 255 2.62 -12.54 -8.66
C LEU A 255 3.45 -13.83 -8.79
N ASP A 256 3.06 -14.84 -8.03
CA ASP A 256 3.59 -16.17 -8.12
C ASP A 256 2.57 -17.05 -8.84
N ILE A 257 3.05 -18.16 -9.40
CA ILE A 257 2.16 -19.16 -9.96
C ILE A 257 2.32 -20.44 -9.17
N THR A 258 1.21 -21.01 -8.72
CA THR A 258 1.22 -22.31 -8.07
C THR A 258 0.53 -23.29 -9.00
N TYR A 259 1.21 -24.39 -9.40
CA TYR A 259 0.64 -25.44 -10.23
C TYR A 259 0.29 -26.62 -9.35
N ALA A 260 -0.85 -27.23 -9.59
CA ALA A 260 -1.27 -28.41 -8.85
C ALA A 260 -1.67 -29.42 -9.91
N THR A 261 -1.01 -30.60 -9.92
CA THR A 261 -1.33 -31.67 -10.83
C THR A 261 -1.88 -32.84 -10.05
N LEU A 262 -3.05 -33.34 -10.45
CA LEU A 262 -3.64 -34.49 -9.79
C LEU A 262 -3.21 -35.78 -10.48
N PHE A 263 -2.70 -36.73 -9.69
CA PHE A 263 -2.40 -38.11 -10.08
C PHE A 263 -3.53 -38.81 -9.29
N PRO A 264 -4.68 -39.13 -9.94
CA PRO A 264 -5.88 -39.51 -9.18
C PRO A 264 -5.72 -40.59 -8.10
N ARG A 265 -4.94 -41.60 -8.39
CA ARG A 265 -4.71 -42.69 -7.43
C ARG A 265 -3.56 -42.40 -6.42
N THR A 266 -2.82 -41.29 -6.60
CA THR A 266 -1.67 -40.93 -5.77
C THR A 266 -1.85 -39.68 -4.95
N GLY A 267 -2.31 -38.63 -5.59
CA GLY A 267 -2.50 -37.34 -4.92
C GLY A 267 -2.00 -36.20 -5.76
N ILE A 268 -1.79 -35.06 -5.11
CA ILE A 268 -1.35 -33.84 -5.80
C ILE A 268 0.18 -33.72 -5.88
N TYR A 269 0.68 -33.23 -7.01
CA TYR A 269 2.07 -32.85 -7.22
C TYR A 269 2.05 -31.36 -7.42
N ALA A 270 2.81 -30.59 -6.61
CA ALA A 270 2.79 -29.14 -6.73
C ALA A 270 4.09 -28.55 -7.18
N GLU A 271 4.01 -27.43 -7.90
N GLU A 271 4.04 -27.41 -7.88
CA GLU A 271 5.16 -26.65 -8.34
CA GLU A 271 5.25 -26.67 -8.22
C GLU A 271 4.90 -25.17 -8.08
C GLU A 271 4.97 -25.18 -8.22
N ARG A 272 5.95 -24.41 -7.78
CA ARG A 272 5.81 -22.97 -7.64
C ARG A 272 6.71 -22.27 -8.66
N LYS A 273 6.21 -21.22 -9.33
CA LYS A 273 7.00 -20.31 -10.16
C LYS A 273 6.99 -19.02 -9.33
N HIS A 274 8.07 -18.83 -8.57
CA HIS A 274 8.16 -17.68 -7.69
C HIS A 274 8.60 -16.45 -8.47
N ASN A 275 8.06 -15.27 -8.15
CA ASN A 275 8.39 -14.04 -8.85
C ASN A 275 8.11 -14.17 -10.35
N ALA A 276 7.01 -14.87 -10.71
CA ALA A 276 6.70 -15.09 -12.12
C ALA A 276 6.39 -13.75 -12.88
N PHE A 277 5.70 -12.79 -12.22
CA PHE A 277 5.37 -11.49 -12.80
C PHE A 277 5.69 -10.48 -11.76
N VAL A 278 6.74 -9.70 -11.97
CA VAL A 278 7.20 -8.75 -10.95
C VAL A 278 6.96 -7.31 -11.36
N ASN A 279 6.69 -6.45 -10.37
CA ASN A 279 6.49 -5.00 -10.49
C ASN A 279 5.40 -4.71 -11.49
N ARG A 280 4.29 -5.46 -11.39
CA ARG A 280 3.17 -5.24 -12.30
C ARG A 280 2.30 -4.21 -11.62
N ASN A 281 2.68 -2.96 -11.87
CA ASN A 281 2.11 -1.81 -11.16
C ASN A 281 1.38 -0.80 -12.00
N PHE A 282 0.37 -0.19 -11.38
CA PHE A 282 -0.40 0.91 -11.94
C PHE A 282 0.28 2.18 -11.46
N VAL A 283 0.82 2.97 -12.38
CA VAL A 283 1.54 4.19 -12.03
C VAL A 283 0.74 5.42 -12.46
N VAL A 284 0.49 6.32 -11.52
CA VAL A 284 -0.22 7.58 -11.82
C VAL A 284 0.73 8.75 -11.60
N ARG A 285 0.81 9.67 -12.57
CA ARG A 285 1.65 10.84 -12.43
C ARG A 285 0.79 12.02 -12.00
N TYR A 286 1.25 12.74 -10.98
CA TYR A 286 0.56 13.89 -10.43
C TYR A 286 1.47 15.13 -10.51
N GLU A 287 0.86 16.31 -10.52
CA GLU A 287 1.58 17.57 -10.49
C GLU A 287 1.08 18.36 -9.30
N VAL A 288 1.98 18.79 -8.41
CA VAL A 288 1.66 19.66 -7.28
C VAL A 288 1.86 21.07 -7.79
N ASN A 289 0.95 21.97 -7.48
CA ASN A 289 1.17 23.41 -7.72
C ASN A 289 1.22 23.99 -6.32
N TRP A 290 2.42 24.26 -5.82
CA TRP A 290 2.72 24.82 -4.51
C TRP A 290 2.17 26.25 -4.35
N LYS A 291 2.00 26.99 -5.46
CA LYS A 291 1.47 28.36 -5.39
C LYS A 291 -0.04 28.37 -5.16
N THR A 292 -0.80 27.68 -6.03
CA THR A 292 -2.27 27.63 -5.92
C THR A 292 -2.78 26.57 -4.95
N HIS A 293 -1.88 25.73 -4.39
CA HIS A 293 -2.19 24.61 -3.50
C HIS A 293 -3.12 23.63 -4.21
N GLU A 294 -2.74 23.20 -5.42
CA GLU A 294 -3.58 22.29 -6.20
C GLU A 294 -2.85 21.05 -6.68
N ILE A 295 -3.60 19.99 -6.92
CA ILE A 295 -3.06 18.75 -7.47
C ILE A 295 -3.81 18.47 -8.73
N LYS A 296 -3.11 18.03 -9.75
CA LYS A 296 -3.75 17.57 -10.97
C LYS A 296 -3.10 16.28 -11.41
N VAL A 297 -3.89 15.44 -12.05
CA VAL A 297 -3.41 14.17 -12.54
C VAL A 297 -2.84 14.44 -13.93
N LYS A 298 -1.59 14.07 -14.15
CA LYS A 298 -0.93 14.18 -15.44
C LYS A 298 -1.33 12.93 -16.24
N GLY A 299 -1.69 13.18 -17.53
N GLY A 299 -1.20 13.06 -17.54
CA GLY A 299 -2.18 12.21 -18.51
CA GLY A 299 -1.66 12.06 -18.47
C GLY A 299 -3.48 11.51 -18.17
C GLY A 299 -3.13 12.35 -18.72
N HIS A 300 -3.73 11.36 -16.87
N HIS A 300 -3.54 13.64 -18.52
CA HIS A 300 -4.78 10.67 -16.18
CA HIS A 300 -4.85 14.24 -18.66
C HIS A 300 -4.68 9.16 -16.36
C HIS A 300 -5.84 13.48 -17.75
N ASN A 301 -4.71 8.41 -15.23
N ASN A 301 -7.05 13.18 -18.21
CA ASN A 301 -4.67 6.95 -15.23
CA ASN A 301 -8.07 12.53 -17.41
C ASN A 301 -3.33 6.45 -15.75
C ASN A 301 -8.62 11.32 -18.15
O1 P6G B . 5.17 -20.68 -15.64
C2 P6G B . 6.33 -20.10 -16.26
C3 P6G B . 5.99 -19.29 -17.46
O4 P6G B . 4.79 -19.74 -18.08
C5 P6G B . 4.69 -19.40 -19.46
C6 P6G B . 5.09 -20.57 -20.31
O7 P6G B . 4.35 -20.58 -21.54
C8 P6G B . 4.53 -21.76 -22.30
C9 P6G B . 3.22 -22.28 -22.76
O10 P6G B . 3.11 -23.68 -22.52
C11 P6G B . 2.44 -23.92 -21.29
C12 P6G B . 2.56 -25.32 -20.85
O13 P6G B . 2.22 -25.35 -19.48
C14 P6G B . 3.35 -25.29 -18.65
C15 P6G B . 2.95 -25.44 -17.23
O16 P6G B . 4.05 -25.98 -16.51
C17 P6G B . 3.70 -26.46 -15.22
C18 P6G B . 3.34 -27.91 -15.32
O19 P6G B . 3.44 -28.54 -14.06
N1 MHA C . 10.80 -7.21 -14.78
N1 MHA C . 9.94 -6.70 -15.25
C1 MHA C . 9.60 -7.95 -15.20
C1 MHA C . 8.83 -7.63 -15.43
C2 MHA C . 9.36 -9.26 -14.48
C2 MHA C . 9.00 -8.93 -14.66
O1 MHA C . 8.18 -9.65 -14.37
O1 MHA C . 8.01 -9.67 -14.50
O2 MHA C . 10.36 -9.90 -14.07
O2 MHA C . 10.16 -9.17 -14.25
C3 MHA C . 12.02 -7.84 -15.29
C3 MHA C . 9.92 -6.05 -13.94
C4 MHA C . 13.32 -7.02 -15.20
C4 MHA C . 11.22 -5.42 -13.44
O3 MHA C . 13.41 -6.06 -15.97
O3 MHA C . 11.12 -4.68 -12.43
O4 MHA C . 14.26 -7.45 -14.50
O4 MHA C . 12.31 -5.65 -14.03
C5 MHA C . 10.69 -5.79 -15.11
C5 MHA C . 10.02 -5.75 -16.36
C6 MHA C . 10.33 -5.49 -16.56
C6 MHA C . 11.45 -5.34 -16.64
O5 MHA C . 11.21 -5.39 -17.42
O5 MHA C . 12.38 -6.12 -16.46
N2 MHA C . 9.05 -5.32 -16.82
N2 MHA C . 11.61 -4.08 -17.02
S SO4 D . 11.57 -12.97 -2.25
O1 SO4 D . 13.02 -13.06 -2.32
O2 SO4 D . 11.15 -11.85 -1.37
O3 SO4 D . 11.02 -14.20 -1.67
O4 SO4 D . 11.06 -12.74 -3.61
S SO4 E . -2.41 -41.94 -11.03
O1 SO4 E . -1.67 -43.08 -11.61
O2 SO4 E . -1.93 -41.71 -9.70
O3 SO4 E . -2.21 -40.80 -11.91
O4 SO4 E . -3.83 -42.26 -11.04
S SO4 F . -6.63 10.64 9.25
O1 SO4 F . -6.65 10.00 10.55
O2 SO4 F . -5.43 10.29 8.56
O3 SO4 F . -6.73 12.09 9.37
O4 SO4 F . -7.81 10.20 8.47
S SO4 G . 10.60 -28.87 -1.49
O1 SO4 G . 11.40 -28.91 -0.27
O2 SO4 G . 11.03 -27.75 -2.35
O3 SO4 G . 10.73 -30.12 -2.22
O4 SO4 G . 9.19 -28.69 -1.11
#